data_3L87
#
_entry.id   3L87
#
_cell.length_a   47.589
_cell.length_b   55.621
_cell.length_c   85.778
_cell.angle_alpha   90.00
_cell.angle_beta   90.00
_cell.angle_gamma   90.00
#
_symmetry.space_group_name_H-M   'P 21 21 21'
#
loop_
_entity.id
_entity.type
_entity.pdbx_description
1 polymer 'Peptide deformylase'
2 non-polymer 'FE (III) ION'
3 water water
#
_entity_poly.entity_id   1
_entity_poly.type   'polypeptide(L)'
_entity_poly.pdbx_seq_one_letter_code
;MGSSHHHHHHSSGLVPRGSHMASMTGGQQMGRGSMSAIKTITKASHLIDMNDIIREGHPTLRAVAQDVTFPLNEDDIILG
EKMLQFLKNSQDPVTAEKMELRGGVGLAAPQLDISKRIIAVLIPNPEDKDGNPPKEAYALKEVMYNPRIIAHSVQDAALA
DGEG(CSD)LSVDRVVEGYVIRHSRVTIEYYDKNSDKKKLKLKGYQSIVVQHEIDHTNGIMFFDRINEKNPFEIKEGLLL
IE
;
_entity_poly.pdbx_strand_id   A
#
# COMPACT_ATOMS: atom_id res chain seq x y z
N MET A 35 9.67 6.00 23.38
CA MET A 35 9.46 6.80 22.14
C MET A 35 8.33 6.24 21.24
N SER A 36 7.98 7.03 20.22
CA SER A 36 6.84 6.75 19.35
C SER A 36 7.18 5.66 18.35
N ALA A 37 6.15 5.10 17.72
CA ALA A 37 6.38 4.10 16.66
C ALA A 37 7.33 4.67 15.59
N ILE A 38 7.22 5.97 15.34
CA ILE A 38 8.06 6.65 14.35
C ILE A 38 9.52 6.84 14.82
N LYS A 39 9.73 7.36 16.02
CA LYS A 39 11.10 7.44 16.55
C LYS A 39 11.76 6.08 16.66
N THR A 40 10.99 5.03 16.97
CA THR A 40 11.51 3.67 17.00
C THR A 40 11.85 3.09 15.63
N ILE A 41 10.91 3.15 14.69
CA ILE A 41 11.13 2.58 13.38
C ILE A 41 12.22 3.33 12.59
N THR A 42 12.42 4.60 12.89
CA THR A 42 13.39 5.35 12.09
C THR A 42 14.85 5.28 12.61
N LYS A 43 15.07 4.53 13.71
CA LYS A 43 16.40 4.34 14.28
C LYS A 43 17.19 3.60 13.23
N ALA A 44 18.46 3.95 13.09
CA ALA A 44 19.27 3.39 12.02
C ALA A 44 19.35 1.87 12.11
N SER A 45 19.31 1.36 13.35
CA SER A 45 19.43 -0.10 13.61
C SER A 45 18.15 -0.84 13.33
N HIS A 46 17.02 -0.12 13.32
CA HIS A 46 15.72 -0.77 13.19
C HIS A 46 15.42 -1.30 11.81
N LEU A 47 15.22 -2.61 11.68
CA LEU A 47 14.63 -3.16 10.46
C LEU A 47 13.14 -3.48 10.70
N ILE A 48 12.25 -3.02 9.81
CA ILE A 48 10.78 -3.28 9.98
C ILE A 48 10.56 -4.75 9.79
N ASP A 49 9.81 -5.37 10.71
CA ASP A 49 9.40 -6.76 10.54
C ASP A 49 7.95 -6.88 10.92
N MET A 50 7.38 -8.10 11.00
CA MET A 50 5.95 -8.30 11.32
C MET A 50 5.44 -7.81 12.69
N ASN A 51 6.33 -7.58 13.64
CA ASN A 51 5.95 -7.14 14.96
C ASN A 51 5.72 -5.65 15.00
N ASP A 52 6.22 -4.93 14.00
CA ASP A 52 5.91 -3.52 13.80
C ASP A 52 4.54 -3.30 13.10
N ILE A 53 4.03 -4.31 12.39
CA ILE A 53 2.73 -4.26 11.67
C ILE A 53 1.55 -4.59 12.58
N ILE A 54 0.66 -3.63 12.74
CA ILE A 54 -0.51 -3.76 13.57
C ILE A 54 -1.61 -4.45 12.77
N ARG A 55 -2.57 -5.04 13.48
CA ARG A 55 -3.45 -5.96 12.81
C ARG A 55 -4.88 -5.50 12.92
N GLU A 56 -5.68 -6.01 12.00
CA GLU A 56 -7.08 -5.71 11.98
C GLU A 56 -7.60 -5.65 13.42
N GLY A 57 -8.19 -4.55 13.82
CA GLY A 57 -8.78 -4.42 15.17
C GLY A 57 -8.17 -3.26 15.95
N HIS A 58 -6.93 -2.96 15.61
CA HIS A 58 -6.25 -1.83 16.16
C HIS A 58 -6.90 -0.48 15.70
N PRO A 59 -7.22 0.44 16.63
CA PRO A 59 -7.93 1.66 16.23
C PRO A 59 -7.22 2.51 15.17
N THR A 60 -5.88 2.48 15.08
CA THR A 60 -5.14 3.37 14.15
C THR A 60 -5.41 3.05 12.64
N LEU A 61 -5.79 1.80 12.33
CA LEU A 61 -6.19 1.38 10.97
C LEU A 61 -7.55 1.96 10.55
N ARG A 62 -8.34 2.45 11.49
CA ARG A 62 -9.64 3.03 11.18
C ARG A 62 -9.71 4.57 11.32
N ALA A 63 -8.61 5.17 11.78
CA ALA A 63 -8.45 6.58 11.91
C ALA A 63 -8.14 7.15 10.54
N VAL A 64 -8.46 8.43 10.33
CA VAL A 64 -8.04 9.11 9.09
C VAL A 64 -6.61 9.60 9.37
N ALA A 65 -5.69 9.22 8.50
CA ALA A 65 -4.30 9.59 8.70
C ALA A 65 -4.13 11.13 8.58
N GLN A 66 -3.07 11.63 9.22
CA GLN A 66 -2.74 13.04 9.24
C GLN A 66 -1.89 13.35 8.02
N ASP A 67 -2.11 14.54 7.43
CA ASP A 67 -1.32 15.02 6.29
C ASP A 67 0.08 15.19 6.75
N VAL A 68 1.08 14.90 5.93
CA VAL A 68 2.41 15.34 6.32
C VAL A 68 2.62 16.77 5.80
N THR A 69 3.44 17.52 6.52
CA THR A 69 3.71 18.91 6.21
C THR A 69 5.04 18.98 5.43
N PHE A 70 5.23 20.03 4.63
CA PHE A 70 6.43 20.17 3.77
C PHE A 70 7.24 21.42 4.13
N PRO A 71 8.55 21.45 3.87
CA PRO A 71 9.39 20.36 3.33
C PRO A 71 9.44 19.25 4.37
N LEU A 72 9.50 18.01 3.89
CA LEU A 72 9.49 16.80 4.72
C LEU A 72 10.50 16.78 5.89
N ASN A 73 10.08 16.48 7.11
CA ASN A 73 11.14 16.23 8.11
C ASN A 73 11.79 14.89 7.88
N GLU A 74 12.99 14.74 8.44
CA GLU A 74 13.87 13.64 8.05
C GLU A 74 13.30 12.28 8.52
N ASP A 75 12.49 12.33 9.57
CA ASP A 75 11.76 11.15 10.10
C ASP A 75 10.82 10.55 9.04
N ASP A 76 9.98 11.44 8.48
CA ASP A 76 9.08 11.13 7.35
C ASP A 76 9.84 10.58 6.14
N ILE A 77 11.02 11.16 5.86
CA ILE A 77 11.93 10.70 4.81
C ILE A 77 12.52 9.29 5.08
N ILE A 78 13.08 9.09 6.27
CA ILE A 78 13.63 7.77 6.68
C ILE A 78 12.50 6.76 6.80
N LEU A 79 11.35 7.19 7.35
CA LEU A 79 10.19 6.29 7.46
C LEU A 79 9.89 5.66 6.11
N GLY A 80 9.95 6.46 5.03
CA GLY A 80 9.68 5.93 3.71
C GLY A 80 10.72 4.97 3.17
N GLU A 81 12.00 5.28 3.35
CA GLU A 81 13.09 4.35 2.98
C GLU A 81 12.95 3.01 3.73
N LYS A 82 12.60 3.07 5.01
CA LYS A 82 12.38 1.84 5.81
C LYS A 82 11.25 0.97 5.26
N MET A 83 10.16 1.64 4.86
CA MET A 83 9.02 0.90 4.28
C MET A 83 9.39 0.18 3.01
N LEU A 84 10.08 0.86 2.09
CA LEU A 84 10.57 0.26 0.84
C LEU A 84 11.59 -0.87 1.11
N GLN A 85 12.50 -0.65 2.05
CA GLN A 85 13.40 -1.73 2.47
C GLN A 85 12.65 -2.96 3.04
N PHE A 86 11.62 -2.71 3.84
CA PHE A 86 10.75 -3.81 4.29
C PHE A 86 10.17 -4.56 3.11
N LEU A 87 9.61 -3.85 2.11
CA LEU A 87 9.06 -4.54 0.93
C LEU A 87 10.13 -5.26 0.15
N LYS A 88 11.34 -4.71 0.02
CA LYS A 88 12.44 -5.52 -0.57
C LYS A 88 12.61 -6.82 0.23
N ASN A 89 12.89 -6.66 1.53
CA ASN A 89 13.14 -7.79 2.45
C ASN A 89 12.06 -8.82 2.29
N SER A 90 10.80 -8.38 2.25
CA SER A 90 9.67 -9.32 2.23
C SER A 90 9.55 -10.06 0.94
N GLN A 91 10.12 -9.52 -0.14
CA GLN A 91 10.06 -10.12 -1.48
C GLN A 91 11.29 -11.02 -1.81
N ASP A 92 12.37 -10.84 -1.08
CA ASP A 92 13.56 -11.66 -1.23
C ASP A 92 13.38 -12.94 -0.40
N PRO A 93 13.40 -14.11 -1.06
CA PRO A 93 13.24 -15.39 -0.37
C PRO A 93 14.08 -15.57 0.91
N VAL A 94 15.33 -15.12 0.85
CA VAL A 94 16.31 -15.38 1.91
C VAL A 94 16.12 -14.49 3.13
N THR A 95 15.82 -13.21 2.91
CA THR A 95 15.58 -12.31 4.03
C THR A 95 14.20 -12.57 4.61
N ALA A 96 13.21 -12.87 3.75
CA ALA A 96 11.82 -13.10 4.17
C ALA A 96 11.71 -14.27 5.17
N GLU A 97 12.10 -15.46 4.74
CA GLU A 97 12.07 -16.66 5.62
C GLU A 97 12.87 -16.47 6.93
N LYS A 98 14.06 -15.88 6.83
CA LYS A 98 14.90 -15.59 7.98
C LYS A 98 14.33 -14.53 8.93
N MET A 99 13.70 -13.50 8.37
CA MET A 99 13.07 -12.45 9.19
C MET A 99 11.63 -12.77 9.54
N GLU A 100 11.12 -13.81 8.89
CA GLU A 100 9.73 -14.27 9.04
C GLU A 100 8.76 -13.21 8.59
N LEU A 101 8.92 -12.82 7.33
CA LEU A 101 8.09 -11.79 6.72
C LEU A 101 7.09 -12.44 5.79
N ARG A 102 5.96 -11.78 5.66
CA ARG A 102 4.91 -12.17 4.77
C ARG A 102 5.09 -11.17 3.60
N GLY A 103 4.97 -11.65 2.36
CA GLY A 103 5.44 -10.95 1.19
C GLY A 103 4.49 -9.80 0.86
N GLY A 104 5.01 -8.68 0.38
CA GLY A 104 4.15 -7.50 0.12
C GLY A 104 4.60 -6.72 -1.10
N VAL A 105 3.71 -5.88 -1.60
CA VAL A 105 4.06 -4.94 -2.70
C VAL A 105 3.66 -3.51 -2.38
N GLY A 106 3.02 -3.30 -1.23
CA GLY A 106 2.65 -1.96 -0.81
C GLY A 106 2.62 -1.99 0.69
N LEU A 107 2.72 -0.82 1.32
CA LEU A 107 2.66 -0.70 2.76
C LEU A 107 2.32 0.75 3.08
N ALA A 108 1.54 0.99 4.15
CA ALA A 108 1.09 2.33 4.50
C ALA A 108 1.38 2.61 5.95
N ALA A 109 1.79 3.85 6.24
CA ALA A 109 2.27 4.18 7.59
C ALA A 109 1.27 3.79 8.70
N PRO A 110 -0.07 3.95 8.45
CA PRO A 110 -1.02 3.56 9.49
C PRO A 110 -0.88 2.10 9.91
N GLN A 111 -0.34 1.22 9.05
CA GLN A 111 -0.21 -0.19 9.47
C GLN A 111 0.98 -0.38 10.42
N LEU A 112 1.75 0.68 10.63
CA LEU A 112 2.94 0.68 11.48
C LEU A 112 2.61 1.45 12.73
N ASP A 113 1.31 1.68 12.93
CA ASP A 113 0.81 2.57 13.99
C ASP A 113 1.40 4.00 13.94
N ILE A 114 1.62 4.49 12.72
CA ILE A 114 2.01 5.91 12.46
C ILE A 114 0.90 6.52 11.55
N SER A 115 -0.02 7.25 12.14
CA SER A 115 -1.20 7.81 11.43
C SER A 115 -0.77 9.00 10.58
N LYS A 116 -0.03 8.75 9.50
CA LYS A 116 0.34 9.84 8.59
C LYS A 116 0.09 9.33 7.21
N ARG A 117 -0.20 10.25 6.29
CA ARG A 117 -0.41 9.90 4.90
C ARG A 117 0.90 9.62 4.17
N ILE A 118 1.41 8.38 4.36
CA ILE A 118 2.63 7.95 3.71
C ILE A 118 2.42 6.51 3.27
N ILE A 119 2.74 6.24 2.01
CA ILE A 119 2.64 4.89 1.49
C ILE A 119 3.89 4.54 0.71
N ALA A 120 4.19 3.26 0.66
CA ALA A 120 5.26 2.80 -0.17
C ALA A 120 4.69 1.72 -1.08
N VAL A 121 5.09 1.72 -2.34
CA VAL A 121 4.69 0.65 -3.25
C VAL A 121 5.95 0.09 -3.86
N LEU A 122 6.02 -1.24 -4.02
CA LEU A 122 7.19 -1.85 -4.63
C LEU A 122 6.74 -3.00 -5.47
N ILE A 123 6.52 -2.71 -6.76
CA ILE A 123 5.87 -3.66 -7.64
C ILE A 123 6.83 -4.19 -8.70
N PRO A 124 7.12 -5.51 -8.65
CA PRO A 124 8.05 -6.07 -9.60
C PRO A 124 7.44 -6.21 -10.97
N ASN A 125 8.25 -5.93 -11.99
CA ASN A 125 7.94 -6.23 -13.36
C ASN A 125 7.74 -7.72 -13.57
N PRO A 126 6.82 -8.10 -14.47
CA PRO A 126 6.54 -9.53 -14.68
C PRO A 126 7.74 -10.25 -15.31
N GLU A 127 7.82 -11.55 -15.11
CA GLU A 127 8.82 -12.38 -15.77
C GLU A 127 8.36 -12.81 -17.15
N ASP A 128 9.29 -13.03 -18.08
CA ASP A 128 9.18 -13.95 -19.24
C ASP A 128 10.25 -13.79 -20.33
N PRO A 133 12.32 -13.46 -16.59
CA PRO A 133 12.99 -12.54 -15.66
C PRO A 133 13.25 -11.17 -16.35
N PRO A 134 12.73 -10.06 -15.77
CA PRO A 134 12.70 -8.76 -16.50
C PRO A 134 14.02 -8.01 -16.55
N LYS A 135 14.30 -7.20 -17.58
CA LYS A 135 15.51 -6.39 -17.64
C LYS A 135 15.46 -5.26 -16.61
N GLU A 136 14.32 -4.79 -16.22
CA GLU A 136 14.14 -3.76 -15.21
C GLU A 136 13.35 -4.29 -14.01
N ALA A 137 13.89 -4.25 -12.83
CA ALA A 137 13.33 -5.07 -11.75
C ALA A 137 11.87 -4.72 -11.39
N TYR A 138 11.58 -3.41 -11.36
CA TYR A 138 10.35 -2.90 -10.78
C TYR A 138 9.51 -2.09 -11.71
N ALA A 139 8.22 -2.39 -11.72
CA ALA A 139 7.20 -1.66 -12.46
C ALA A 139 7.05 -0.27 -11.85
N LEU A 140 6.92 -0.25 -10.52
CA LEU A 140 6.74 1.01 -9.84
C LEU A 140 7.42 0.85 -8.49
N LYS A 141 8.18 1.87 -8.12
CA LYS A 141 8.88 1.90 -6.87
C LYS A 141 8.87 3.34 -6.38
N GLU A 142 8.17 3.59 -5.28
CA GLU A 142 7.81 4.97 -4.97
C GLU A 142 7.38 5.04 -3.57
N VAL A 143 7.80 6.06 -2.83
CA VAL A 143 7.10 6.43 -1.61
C VAL A 143 6.19 7.65 -1.93
N MET A 144 4.91 7.61 -1.57
CA MET A 144 4.04 8.76 -1.82
C MET A 144 3.54 9.43 -0.54
N TYR A 145 3.63 10.77 -0.52
CA TYR A 145 3.27 11.57 0.63
C TYR A 145 1.97 12.31 0.30
N ASN A 146 1.06 12.34 1.27
CA ASN A 146 -0.26 12.88 1.04
C ASN A 146 -0.86 12.49 -0.30
N PRO A 147 -0.80 11.19 -0.68
CA PRO A 147 -1.41 10.80 -1.98
C PRO A 147 -2.94 10.86 -2.02
N ARG A 148 -3.51 11.23 -3.16
CA ARG A 148 -4.94 11.26 -3.29
C ARG A 148 -5.44 11.15 -4.71
N ILE A 149 -6.54 10.50 -4.92
CA ILE A 149 -7.10 10.29 -6.23
C ILE A 149 -7.79 11.59 -6.65
N ILE A 150 -7.30 12.18 -7.70
CA ILE A 150 -7.87 13.45 -8.25
C ILE A 150 -8.73 13.19 -9.50
N ALA A 151 -8.54 12.01 -10.09
CA ALA A 151 -9.30 11.58 -11.25
C ALA A 151 -9.32 10.06 -11.22
N HIS A 152 -10.42 9.46 -11.68
CA HIS A 152 -10.55 8.00 -11.84
C HIS A 152 -11.49 7.71 -13.00
N SER A 153 -11.31 6.56 -13.65
CA SER A 153 -12.25 6.03 -14.66
C SER A 153 -13.60 5.69 -14.10
N VAL A 154 -14.62 5.81 -14.93
CA VAL A 154 -15.95 5.34 -14.60
C VAL A 154 -15.87 3.82 -14.38
N GLN A 155 -15.20 3.13 -15.31
CA GLN A 155 -15.00 1.67 -15.25
C GLN A 155 -14.36 1.19 -13.93
N ASP A 156 -15.01 0.19 -13.34
CA ASP A 156 -14.45 -0.49 -12.19
C ASP A 156 -13.52 -1.65 -12.56
N ALA A 157 -12.61 -2.00 -11.64
CA ALA A 157 -11.84 -3.23 -11.77
C ALA A 157 -11.57 -3.93 -10.40
N ALA A 158 -11.23 -5.20 -10.49
CA ALA A 158 -10.88 -5.97 -9.31
C ALA A 158 -9.87 -7.05 -9.72
N LEU A 159 -8.95 -7.42 -8.83
CA LEU A 159 -8.13 -8.63 -8.99
C LEU A 159 -9.06 -9.85 -8.89
N ALA A 160 -8.81 -10.79 -9.79
CA ALA A 160 -9.61 -12.02 -9.92
C ALA A 160 -9.44 -12.87 -8.66
N ASP A 161 -8.20 -12.85 -8.15
CA ASP A 161 -7.80 -13.64 -6.99
C ASP A 161 -8.11 -12.94 -5.68
N GLY A 162 -8.87 -11.84 -5.74
CA GLY A 162 -9.17 -11.06 -4.53
C GLY A 162 -7.90 -10.37 -4.05
N GLU A 163 -7.92 -9.83 -2.83
CA GLU A 163 -6.80 -9.14 -2.22
C GLU A 163 -6.49 -9.73 -0.86
N GLY A 164 -5.27 -9.43 -0.41
CA GLY A 164 -4.77 -9.74 0.93
C GLY A 164 -4.19 -8.50 1.55
N LEU A 166 -1.22 -7.55 4.85
CA LEU A 166 -0.30 -7.78 5.99
C LEU A 166 -0.95 -7.61 7.36
N SER A 167 -1.98 -6.76 7.42
CA SER A 167 -2.71 -6.50 8.66
C SER A 167 -3.92 -7.39 8.85
N VAL A 168 -4.21 -8.22 7.85
CA VAL A 168 -5.41 -9.07 7.96
C VAL A 168 -5.03 -10.57 8.00
N ASP A 169 -5.20 -11.13 9.19
CA ASP A 169 -4.76 -12.50 9.50
C ASP A 169 -5.92 -13.46 9.43
N ARG A 170 -6.73 -13.34 8.39
CA ARG A 170 -7.80 -14.27 8.13
C ARG A 170 -8.08 -14.35 6.66
N VAL A 171 -8.90 -15.27 6.23
CA VAL A 171 -9.23 -15.35 4.80
C VAL A 171 -10.49 -14.54 4.54
N VAL A 172 -10.42 -13.67 3.54
CA VAL A 172 -11.59 -12.92 3.13
C VAL A 172 -11.71 -12.99 1.60
N GLU A 173 -12.66 -13.81 1.17
CA GLU A 173 -12.84 -14.12 -0.23
C GLU A 173 -13.81 -13.14 -0.83
N GLY A 174 -13.53 -12.74 -2.06
CA GLY A 174 -14.43 -11.83 -2.74
C GLY A 174 -13.68 -10.83 -3.56
N TYR A 175 -14.38 -10.26 -4.51
CA TYR A 175 -13.83 -9.28 -5.45
C TYR A 175 -13.82 -7.95 -4.73
N VAL A 176 -12.65 -7.34 -4.61
CA VAL A 176 -12.53 -6.05 -3.94
C VAL A 176 -12.65 -5.00 -5.07
N ILE A 177 -13.80 -4.31 -5.10
CA ILE A 177 -14.19 -3.44 -6.24
C ILE A 177 -13.44 -2.09 -6.16
N ARG A 178 -12.68 -1.81 -7.23
CA ARG A 178 -11.88 -0.58 -7.28
C ARG A 178 -12.16 0.15 -8.61
N HIS A 179 -11.52 1.31 -8.81
CA HIS A 179 -11.55 2.04 -10.13
C HIS A 179 -10.48 1.38 -10.96
N SER A 180 -10.77 1.17 -12.24
CA SER A 180 -9.82 0.60 -13.16
C SER A 180 -8.59 1.49 -13.28
N ARG A 181 -8.80 2.81 -13.52
CA ARG A 181 -7.70 3.75 -13.67
C ARG A 181 -7.87 4.88 -12.71
N VAL A 182 -6.74 5.51 -12.35
CA VAL A 182 -6.69 6.57 -11.34
C VAL A 182 -5.60 7.52 -11.75
N THR A 183 -5.78 8.76 -11.36
CA THR A 183 -4.70 9.69 -11.37
C THR A 183 -4.49 10.11 -9.96
N ILE A 184 -3.26 9.93 -9.50
CA ILE A 184 -2.89 10.37 -8.16
C ILE A 184 -2.08 11.67 -8.14
N GLU A 185 -2.42 12.53 -7.17
CA GLU A 185 -1.59 13.67 -6.82
C GLU A 185 -0.84 13.24 -5.55
N TYR A 186 0.48 13.47 -5.50
CA TYR A 186 1.24 13.22 -4.26
C TYR A 186 2.54 13.97 -4.32
N TYR A 187 3.27 14.04 -3.19
CA TYR A 187 4.63 14.62 -3.13
C TYR A 187 5.67 13.52 -2.92
N ASP A 188 6.85 13.65 -3.52
CA ASP A 188 7.83 12.59 -3.43
C ASP A 188 8.71 12.92 -2.22
N LYS A 189 9.83 12.21 -2.06
CA LYS A 189 10.68 12.41 -0.89
C LYS A 189 11.33 13.82 -0.95
N ASN A 190 11.34 14.41 -2.13
CA ASN A 190 11.88 15.75 -2.29
C ASN A 190 10.89 16.85 -2.01
N SER A 191 9.77 16.48 -1.38
CA SER A 191 8.59 17.32 -1.27
C SER A 191 8.15 17.91 -2.65
N ASP A 192 8.44 17.20 -3.75
CA ASP A 192 8.00 17.66 -5.07
C ASP A 192 6.61 17.12 -5.41
N LYS A 193 5.73 18.01 -5.87
CA LYS A 193 4.38 17.66 -6.23
C LYS A 193 4.45 16.84 -7.51
N LYS A 194 3.84 15.67 -7.46
CA LYS A 194 3.80 14.73 -8.60
C LYS A 194 2.35 14.40 -8.96
N LYS A 195 2.16 13.96 -10.19
CA LYS A 195 0.88 13.52 -10.65
C LYS A 195 1.23 12.30 -11.43
N LEU A 196 0.43 11.24 -11.28
CA LEU A 196 0.72 9.97 -11.96
C LEU A 196 -0.54 9.23 -12.27
N LYS A 197 -0.65 8.79 -13.52
CA LYS A 197 -1.81 8.03 -14.03
C LYS A 197 -1.49 6.56 -13.89
N LEU A 198 -2.41 5.75 -13.35
CA LEU A 198 -2.12 4.31 -13.14
C LEU A 198 -3.21 3.49 -13.71
N LYS A 199 -2.85 2.32 -14.24
CA LYS A 199 -3.85 1.34 -14.64
C LYS A 199 -3.51 -0.05 -14.12
N GLY A 200 -4.45 -0.96 -14.35
CA GLY A 200 -4.38 -2.32 -13.93
C GLY A 200 -3.87 -2.58 -12.53
N TYR A 201 -2.94 -3.50 -12.44
CA TYR A 201 -2.38 -3.96 -11.19
C TYR A 201 -1.82 -2.84 -10.31
N GLN A 202 -1.06 -1.92 -10.85
CA GLN A 202 -0.56 -0.85 -9.98
C GLN A 202 -1.58 0.15 -9.47
N SER A 203 -2.61 0.39 -10.24
CA SER A 203 -3.72 1.18 -9.80
C SER A 203 -4.44 0.55 -8.57
N ILE A 204 -4.68 -0.74 -8.66
CA ILE A 204 -5.26 -1.49 -7.56
C ILE A 204 -4.40 -1.35 -6.23
N VAL A 205 -3.12 -1.61 -6.35
CA VAL A 205 -2.21 -1.52 -5.24
C VAL A 205 -2.27 -0.12 -4.62
N VAL A 206 -2.17 0.89 -5.47
CA VAL A 206 -2.06 2.24 -4.96
C VAL A 206 -3.34 2.62 -4.25
N GLN A 207 -4.46 2.20 -4.79
CA GLN A 207 -5.75 2.42 -4.17
C GLN A 207 -5.84 1.78 -2.80
N HIS A 208 -5.37 0.56 -2.70
CA HIS A 208 -5.32 -0.23 -1.47
C HIS A 208 -4.62 0.57 -0.39
N GLU A 209 -3.47 1.08 -0.72
CA GLU A 209 -2.57 1.72 0.24
C GLU A 209 -3.09 3.11 0.63
N ILE A 210 -3.55 3.88 -0.37
CA ILE A 210 -4.23 5.16 -0.10
C ILE A 210 -5.42 4.93 0.83
N ASP A 211 -6.23 3.89 0.61
CA ASP A 211 -7.34 3.54 1.55
C ASP A 211 -6.94 3.46 3.01
N HIS A 212 -5.80 2.82 3.28
CA HIS A 212 -5.23 2.76 4.65
C HIS A 212 -5.11 4.10 5.28
N THR A 213 -4.73 5.10 4.47
CA THR A 213 -4.58 6.48 4.97
C THR A 213 -5.90 7.16 5.22
N ASN A 214 -6.98 6.53 4.79
CA ASN A 214 -8.36 7.04 5.04
C ASN A 214 -9.20 6.16 5.98
N GLY A 215 -8.56 5.19 6.62
CA GLY A 215 -9.20 4.32 7.60
C GLY A 215 -10.01 3.20 6.98
N ILE A 216 -9.68 2.77 5.76
CA ILE A 216 -10.48 1.83 4.96
C ILE A 216 -9.62 0.56 4.65
N MET A 217 -10.20 -0.62 4.86
CA MET A 217 -9.50 -1.89 4.76
C MET A 217 -10.10 -2.54 3.59
N PHE A 218 -9.36 -3.42 2.89
CA PHE A 218 -9.85 -3.94 1.62
C PHE A 218 -11.21 -4.61 1.67
N PHE A 219 -11.53 -5.23 2.80
CA PHE A 219 -12.74 -6.06 2.88
C PHE A 219 -14.00 -5.20 2.90
N ASP A 220 -13.79 -3.89 3.09
CA ASP A 220 -14.86 -2.87 3.08
C ASP A 220 -15.48 -2.74 1.69
N ARG A 221 -14.67 -3.01 0.66
CA ARG A 221 -15.06 -2.91 -0.74
C ARG A 221 -15.47 -4.27 -1.35
N ILE A 222 -15.64 -5.30 -0.49
CA ILE A 222 -16.22 -6.59 -0.92
C ILE A 222 -17.73 -6.56 -0.68
N ASN A 223 -18.53 -7.01 -1.67
CA ASN A 223 -19.99 -7.16 -1.40
C ASN A 223 -20.24 -8.37 -0.55
N GLU A 224 -20.65 -8.15 0.70
CA GLU A 224 -20.93 -9.23 1.65
C GLU A 224 -22.04 -10.18 1.21
N LYS A 225 -23.16 -9.62 0.73
CA LYS A 225 -24.24 -10.41 0.08
C LYS A 225 -23.68 -11.49 -0.91
N ASN A 226 -23.24 -11.06 -2.11
CA ASN A 226 -22.42 -11.90 -3.01
C ASN A 226 -21.01 -11.36 -3.29
N PRO A 227 -20.01 -11.91 -2.57
CA PRO A 227 -18.60 -11.54 -2.72
C PRO A 227 -18.00 -11.73 -4.11
N PHE A 228 -18.55 -12.64 -4.90
CA PHE A 228 -18.08 -12.81 -6.27
C PHE A 228 -19.11 -12.36 -7.31
N GLU A 229 -19.88 -11.34 -6.99
CA GLU A 229 -20.74 -10.74 -7.97
C GLU A 229 -19.98 -9.86 -8.98
N ILE A 230 -20.30 -10.03 -10.25
CA ILE A 230 -19.77 -9.19 -11.31
C ILE A 230 -20.89 -8.29 -11.85
N LYS A 231 -20.85 -7.02 -11.46
CA LYS A 231 -21.68 -6.00 -12.11
C LYS A 231 -21.14 -5.80 -13.51
N GLU A 232 -22.05 -5.54 -14.47
CA GLU A 232 -21.66 -5.21 -15.85
C GLU A 232 -20.58 -4.11 -15.89
N GLY A 233 -19.59 -4.28 -16.74
CA GLY A 233 -18.51 -3.32 -16.82
C GLY A 233 -17.25 -3.73 -16.08
N LEU A 234 -17.44 -4.45 -14.97
CA LEU A 234 -16.31 -4.84 -14.11
C LEU A 234 -15.28 -5.62 -14.87
N LEU A 235 -14.09 -5.12 -14.82
CA LEU A 235 -12.94 -5.73 -15.38
C LEU A 235 -12.21 -6.48 -14.32
N LEU A 236 -11.88 -7.72 -14.59
CA LEU A 236 -11.13 -8.51 -13.66
C LEU A 236 -9.71 -8.64 -14.13
N ILE A 237 -8.79 -8.53 -13.20
CA ILE A 237 -7.41 -8.56 -13.50
C ILE A 237 -6.82 -9.92 -13.14
N GLU A 238 -6.63 -10.75 -14.13
CA GLU A 238 -6.31 -12.15 -13.92
C GLU A 238 -4.83 -12.38 -13.72
#